data_2YDQ
#
_entry.id   2YDQ
#
_cell.length_a   118.210
_cell.length_b   118.210
_cell.length_c   148.210
_cell.angle_alpha   90.00
_cell.angle_beta   90.00
_cell.angle_gamma   120.00
#
_symmetry.space_group_name_H-M   'P 61'
#
loop_
_entity.id
_entity.type
_entity.pdbx_description
1 polymer 'O-GLCNACASE NAGJ'
2 polymer 'BIFUNCTIONAL PROTEIN NCOAT'
3 non-polymer 'CADMIUM ION'
4 non-polymer 2-acetamido-2-deoxy-beta-D-glucopyranose
5 water water
#
loop_
_entity_poly.entity_id
_entity_poly.type
_entity_poly.pdbx_seq_one_letter_code
_entity_poly.pdbx_strand_id
1 'polypeptide(L)'
;GSVGPKTGEENQVLVPNLNPTPENLEVVGDGFKITSSINLVGEEEADENAVNALREFLTANNIEINSENDPNSTTLIIGE
VDDDIPELDEALNGTTAENLKEEGYALVSNDGKIAIEGKDGDGTFYGVQTFKQLVKESNIPEVNITDYPTVSARGIVEGF
YGTPWTHQDRLDQIKFYGENKLNTYIYAPKDDPYHREKWREPYPESEMQRMQELINASAENKVDFVFGISPGIDIRFDGD
AGEEDFNHLITKAESLYDMGVRSFAIYWDNIQDKSAAKHAQVLNRFNEEFVKAKGDVKPLITVPTEYDTGAMVSNGQPRA
YTRIFAETVDPSIEVMWTGPGVVTNEIPLSDAQLISGIYDRNMAVWWNYPVTDYFKGKLALGPMHGLDKGLNQYVDFFTV
NPMEHAELSKISIHTAADYSWNMDNYDYDKAWNRAIDMLYGDLAEDMKVFANHSTRMDNKTWAKSGREDAPELRAKMDEL
WNKLSSKEDASALIEELYGEFARMEEACNNLKANLPEVALEECSRQLDELITLAQGDKASLDMIVAQLNEDTEAYESAKE
IAQNKLNTALSSFAVISEKVAQSFIQEALS
;
A
2 'polypeptide(L)' VAHSGAK T
#
# COMPACT_ATOMS: atom_id res chain seq x y z
N GLN A 12 24.09 12.89 21.46
CA GLN A 12 22.61 13.08 21.27
C GLN A 12 22.02 12.49 19.95
N VAL A 13 21.05 11.58 20.07
CA VAL A 13 20.59 10.80 18.91
C VAL A 13 19.17 11.15 18.47
N LEU A 14 19.01 11.33 17.16
CA LEU A 14 17.74 11.77 16.62
C LEU A 14 16.77 10.62 16.33
N VAL A 15 15.48 10.92 16.42
CA VAL A 15 14.46 9.96 16.05
C VAL A 15 14.54 9.79 14.53
N PRO A 16 14.83 8.56 14.05
CA PRO A 16 14.95 8.35 12.61
C PRO A 16 13.59 8.38 11.92
N ASN A 17 13.57 8.30 10.58
CA ASN A 17 12.32 8.07 9.85
C ASN A 17 11.58 6.86 10.43
N LEU A 18 10.33 7.04 10.81
CA LEU A 18 9.47 5.96 11.29
C LEU A 18 8.30 5.74 10.36
N ASN A 19 7.88 4.49 10.22
CA ASN A 19 6.67 4.19 9.46
C ASN A 19 5.98 2.95 9.95
N PRO A 20 4.67 3.07 10.29
CA PRO A 20 3.86 4.29 10.31
C PRO A 20 4.28 5.28 11.39
N THR A 21 3.72 6.49 11.35
CA THR A 21 3.97 7.50 12.35
C THR A 21 3.29 7.08 13.65
N PRO A 22 4.07 6.86 14.72
CA PRO A 22 3.41 6.46 15.97
C PRO A 22 2.53 7.58 16.49
N GLU A 23 1.41 7.25 17.12
CA GLU A 23 0.49 8.29 17.58
C GLU A 23 1.15 9.26 18.58
N ASN A 24 1.72 8.73 19.65
CA ASN A 24 2.34 9.56 20.70
C ASN A 24 3.79 9.22 20.89
N LEU A 25 4.65 10.21 20.63
CA LEU A 25 6.07 10.03 20.86
C LEU A 25 6.66 11.28 21.50
N GLU A 26 7.38 11.09 22.60
CA GLU A 26 8.18 12.17 23.16
C GLU A 26 9.62 11.74 23.36
N VAL A 27 10.55 12.64 23.08
CA VAL A 27 11.94 12.42 23.42
C VAL A 27 12.11 12.79 24.89
N VAL A 28 12.65 11.87 25.67
CA VAL A 28 12.79 12.07 27.10
C VAL A 28 14.25 12.08 27.55
N GLY A 29 15.19 11.92 26.60
CA GLY A 29 16.60 11.92 26.91
C GLY A 29 17.47 12.08 25.68
N ASP A 30 18.79 12.06 25.87
CA ASP A 30 19.76 12.21 24.79
C ASP A 30 19.86 11.02 23.86
N GLY A 31 19.38 9.84 24.29
CA GLY A 31 19.69 8.60 23.59
C GLY A 31 20.85 7.88 24.27
N PHE A 32 21.05 6.61 23.92
CA PHE A 32 22.21 5.86 24.38
C PHE A 32 22.59 4.81 23.34
N LYS A 33 23.81 4.26 23.47
CA LYS A 33 24.23 3.15 22.65
C LYS A 33 23.88 1.85 23.38
N ILE A 34 23.23 0.95 22.64
CA ILE A 34 22.94 -0.39 23.12
C ILE A 34 24.24 -1.18 23.13
N THR A 35 24.55 -1.79 24.27
CA THR A 35 25.79 -2.57 24.42
C THR A 35 25.84 -3.74 23.43
N SER A 36 26.98 -4.40 23.33
CA SER A 36 27.13 -5.43 22.30
C SER A 36 26.45 -6.74 22.72
N SER A 37 25.94 -6.76 23.94
CA SER A 37 25.27 -7.91 24.50
C SER A 37 24.16 -7.38 25.39
N ILE A 38 22.95 -7.95 25.33
CA ILE A 38 21.83 -7.38 26.09
C ILE A 38 21.18 -8.38 27.06
N ASN A 39 20.55 -7.88 28.12
CA ASN A 39 19.75 -8.75 28.94
C ASN A 39 18.37 -8.80 28.33
N LEU A 40 17.88 -9.99 28.03
CA LEU A 40 16.55 -10.12 27.47
C LEU A 40 15.64 -10.63 28.54
N VAL A 41 14.52 -9.93 28.77
CA VAL A 41 13.62 -10.27 29.88
C VAL A 41 12.17 -10.39 29.45
N GLY A 42 11.54 -11.47 29.87
CA GLY A 42 10.13 -11.70 29.62
C GLY A 42 9.80 -12.49 28.38
N GLU A 43 10.82 -12.97 27.66
CA GLU A 43 10.63 -13.68 26.39
C GLU A 43 10.01 -15.09 26.44
N GLU A 44 9.94 -15.69 27.62
CA GLU A 44 9.29 -16.99 27.75
C GLU A 44 7.78 -16.81 27.66
N GLU A 45 7.28 -15.66 28.13
CA GLU A 45 5.83 -15.38 28.16
C GLU A 45 5.37 -14.46 27.04
N ALA A 46 6.31 -13.74 26.42
CA ALA A 46 5.97 -12.76 25.39
C ALA A 46 5.61 -13.46 24.10
N ASP A 47 4.87 -12.76 23.25
CA ASP A 47 4.45 -13.29 21.95
C ASP A 47 5.60 -13.89 21.15
N GLU A 48 5.46 -15.18 20.81
CA GLU A 48 6.46 -15.99 20.06
C GLU A 48 6.94 -15.30 18.75
N ASN A 49 6.04 -14.64 18.02
CA ASN A 49 6.38 -13.94 16.76
C ASN A 49 7.13 -12.61 16.96
N ALA A 50 6.72 -11.85 17.97
CA ALA A 50 7.45 -10.68 18.40
C ALA A 50 8.88 -11.02 18.78
N VAL A 51 9.05 -12.05 19.61
CA VAL A 51 10.38 -12.44 20.08
C VAL A 51 11.28 -12.90 18.93
N ASN A 52 10.72 -13.70 18.01
CA ASN A 52 11.44 -14.12 16.79
C ASN A 52 11.88 -12.94 15.94
N ALA A 53 10.98 -11.97 15.72
CA ALA A 53 11.33 -10.75 15.01
C ALA A 53 12.50 -10.05 15.72
N LEU A 54 12.41 -9.94 17.05
CA LEU A 54 13.45 -9.32 17.85
C LEU A 54 14.78 -10.08 17.76
N ARG A 55 14.71 -11.41 17.83
CA ARG A 55 15.91 -12.27 17.69
C ARG A 55 16.62 -12.09 16.36
N GLU A 56 15.88 -12.14 15.25
CA GLU A 56 16.45 -11.92 13.90
C GLU A 56 17.16 -10.58 13.79
N PHE A 57 16.52 -9.53 14.28
CA PHE A 57 17.11 -8.20 14.26
C PHE A 57 18.42 -8.13 15.05
N LEU A 58 18.40 -8.70 16.24
CA LEU A 58 19.58 -8.71 17.09
C LEU A 58 20.73 -9.46 16.43
N THR A 59 20.45 -10.68 15.95
CA THR A 59 21.45 -11.46 15.24
C THR A 59 22.04 -10.65 14.07
N ALA A 60 21.19 -9.99 13.29
CA ALA A 60 21.60 -9.25 12.09
C ALA A 60 22.47 -8.04 12.41
N ASN A 61 22.23 -7.42 13.55
CA ASN A 61 23.01 -6.26 13.98
C ASN A 61 24.11 -6.59 15.01
N ASN A 62 24.46 -7.88 15.12
CA ASN A 62 25.57 -8.39 15.96
C ASN A 62 25.43 -8.05 17.42
N ILE A 63 24.24 -8.32 17.97
CA ILE A 63 23.98 -8.09 19.39
C ILE A 63 23.66 -9.44 20.03
N GLU A 64 24.58 -9.94 20.85
CA GLU A 64 24.38 -11.23 21.48
C GLU A 64 23.41 -10.99 22.66
N ILE A 65 22.72 -12.05 23.09
CA ILE A 65 21.88 -12.03 24.29
C ILE A 65 22.63 -12.72 25.42
N ASN A 66 22.69 -12.07 26.59
CA ASN A 66 23.35 -12.64 27.76
C ASN A 66 22.66 -13.92 28.22
N SER A 67 23.45 -14.86 28.77
CA SER A 67 22.91 -16.06 29.38
C SER A 67 22.55 -15.83 30.86
N GLU A 68 23.23 -14.88 31.49
CA GLU A 68 23.01 -14.59 32.91
C GLU A 68 23.07 -13.09 32.99
N ASN A 69 22.19 -12.47 33.46
CA ASN A 69 22.05 -11.07 33.78
C ASN A 69 23.41 -10.43 33.99
N ASP A 70 23.57 -9.23 33.44
CA ASP A 70 24.80 -8.48 33.55
C ASP A 70 24.42 -7.01 33.65
N PRO A 71 24.69 -6.37 34.82
CA PRO A 71 24.23 -4.98 34.97
C PRO A 71 24.95 -3.92 34.10
N ASN A 72 26.07 -4.26 33.46
CA ASN A 72 26.76 -3.32 32.54
C ASN A 72 26.30 -3.36 31.10
N SER A 73 25.19 -4.03 30.86
CA SER A 73 24.68 -4.13 29.51
C SER A 73 23.21 -3.75 29.46
N THR A 74 22.79 -3.23 28.32
CA THR A 74 21.42 -2.78 28.10
C THR A 74 20.45 -3.92 28.43
N THR A 75 19.28 -3.58 28.92
CA THR A 75 18.27 -4.56 29.25
C THR A 75 17.04 -4.28 28.41
N LEU A 76 16.50 -5.33 27.79
CA LEU A 76 15.27 -5.23 26.98
C LEU A 76 14.19 -6.06 27.64
N ILE A 77 13.08 -5.43 28.02
CA ILE A 77 11.96 -6.16 28.60
C ILE A 77 10.80 -6.08 27.62
N ILE A 78 10.17 -7.23 27.39
CA ILE A 78 9.12 -7.37 26.39
C ILE A 78 8.00 -8.25 26.96
N GLY A 79 6.76 -7.99 26.55
CA GLY A 79 5.60 -8.75 27.03
C GLY A 79 4.27 -8.12 26.70
N GLU A 80 3.17 -8.85 26.93
CA GLU A 80 1.80 -8.31 26.81
C GLU A 80 1.28 -7.83 28.17
N VAL A 81 0.29 -6.96 28.14
CA VAL A 81 -0.39 -6.52 29.33
C VAL A 81 -0.70 -7.76 30.20
N ASP A 82 -1.29 -8.76 29.53
CA ASP A 82 -1.80 -9.97 30.16
C ASP A 82 -0.77 -11.04 30.50
N ASP A 83 0.51 -10.68 30.41
CA ASP A 83 1.55 -11.46 31.09
C ASP A 83 1.78 -10.80 32.44
N ASP A 84 1.88 -11.64 33.48
CA ASP A 84 2.25 -11.15 34.80
C ASP A 84 3.78 -11.09 34.86
N ILE A 85 4.32 -9.95 34.42
CA ILE A 85 5.74 -9.68 34.51
C ILE A 85 5.92 -8.24 35.06
N PRO A 86 6.18 -8.14 36.37
CA PRO A 86 6.35 -6.83 37.03
C PRO A 86 7.60 -6.04 36.63
N GLU A 87 8.70 -6.72 36.29
CA GLU A 87 9.94 -6.05 35.89
C GLU A 87 9.69 -5.18 34.64
N LEU A 88 8.61 -5.49 33.91
CA LEU A 88 8.16 -4.72 32.75
C LEU A 88 7.44 -3.44 33.14
N ASP A 89 6.47 -3.55 34.03
CA ASP A 89 5.76 -2.39 34.56
C ASP A 89 6.69 -1.38 35.23
N GLU A 90 7.70 -1.87 35.95
CA GLU A 90 8.74 -1.02 36.53
C GLU A 90 9.42 -0.14 35.45
N ALA A 91 9.86 -0.74 34.34
CA ALA A 91 10.59 0.00 33.28
C ALA A 91 9.74 0.89 32.38
N LEU A 92 8.43 0.69 32.39
CA LEU A 92 7.53 1.52 31.61
C LEU A 92 7.31 2.87 32.27
N ASN A 93 7.45 2.90 33.61
CA ASN A 93 7.53 4.15 34.35
C ASN A 93 6.23 4.95 34.21
N GLY A 94 5.11 4.29 34.48
CA GLY A 94 3.80 4.94 34.51
C GLY A 94 3.11 4.94 33.17
N THR A 95 3.88 4.63 32.12
CA THR A 95 3.34 4.43 30.77
C THR A 95 2.73 3.04 30.69
N THR A 96 1.55 2.93 30.10
CA THR A 96 0.85 1.66 30.02
C THR A 96 0.24 1.41 28.64
N ALA A 97 0.09 0.14 28.29
CA ALA A 97 -0.65 -0.26 27.10
C ALA A 97 -2.03 -0.79 27.48
N GLU A 98 -2.34 -0.83 28.77
CA GLU A 98 -3.60 -1.40 29.24
C GLU A 98 -4.83 -0.76 28.60
N ASN A 99 -4.82 0.55 28.45
CA ASN A 99 -6.03 1.25 28.03
C ASN A 99 -6.08 1.48 26.52
N LEU A 100 -5.17 0.88 25.75
CA LEU A 100 -5.08 1.14 24.32
C LEU A 100 -5.95 0.16 23.54
N LYS A 101 -6.29 0.53 22.31
CA LYS A 101 -7.10 -0.38 21.48
C LYS A 101 -6.30 -1.62 21.05
N GLU A 102 -6.99 -2.68 20.65
CA GLU A 102 -6.31 -3.90 20.21
C GLU A 102 -5.23 -3.56 19.15
N GLU A 103 -4.11 -4.27 19.19
CA GLU A 103 -2.96 -4.02 18.31
C GLU A 103 -2.07 -2.88 18.78
N GLY A 104 -2.46 -2.19 19.85
CA GLY A 104 -1.65 -1.09 20.40
C GLY A 104 -0.48 -1.53 21.26
N TYR A 105 0.45 -0.62 21.54
CA TYR A 105 1.57 -0.96 22.40
C TYR A 105 2.13 0.29 23.06
N ALA A 106 3.02 0.07 24.02
CA ALA A 106 3.78 1.13 24.66
C ALA A 106 5.22 0.75 24.51
N LEU A 107 6.08 1.74 24.25
CA LEU A 107 7.50 1.53 24.15
C LEU A 107 8.21 2.65 24.92
N VAL A 108 9.20 2.27 25.73
CA VAL A 108 9.95 3.23 26.52
C VAL A 108 11.42 2.88 26.45
N SER A 109 12.26 3.80 25.99
CA SER A 109 13.71 3.65 26.12
C SER A 109 14.32 4.82 26.92
N ASN A 110 14.92 4.52 28.08
CA ASN A 110 15.52 5.53 28.97
C ASN A 110 16.50 4.85 29.91
N ASP A 111 17.64 5.50 30.13
CA ASP A 111 18.59 5.05 31.17
C ASP A 111 19.01 3.58 30.95
N GLY A 112 19.44 3.27 29.72
CA GLY A 112 19.94 1.93 29.37
C GLY A 112 18.93 0.79 29.34
N LYS A 113 17.64 1.11 29.26
CA LYS A 113 16.58 0.09 29.22
C LYS A 113 15.53 0.34 28.15
N ILE A 114 15.11 -0.73 27.47
CA ILE A 114 14.04 -0.65 26.49
C ILE A 114 12.91 -1.57 26.92
N ALA A 115 11.70 -1.04 27.04
CA ALA A 115 10.55 -1.83 27.45
C ALA A 115 9.46 -1.82 26.39
N ILE A 116 8.98 -2.98 26.01
CA ILE A 116 7.86 -3.05 25.07
C ILE A 116 6.69 -3.80 25.70
N GLU A 117 5.54 -3.14 25.77
CA GLU A 117 4.33 -3.78 26.26
C GLU A 117 3.23 -3.67 25.23
N GLY A 118 2.81 -4.81 24.71
CA GLY A 118 1.69 -4.83 23.76
C GLY A 118 0.35 -4.96 24.47
N LYS A 119 -0.66 -4.26 23.97
CA LYS A 119 -2.04 -4.51 24.38
C LYS A 119 -2.40 -5.97 24.16
N ASP A 120 -1.93 -6.54 23.05
CA ASP A 120 -2.01 -7.97 22.79
C ASP A 120 -0.70 -8.33 22.10
N GLY A 121 -0.59 -9.57 21.65
CA GLY A 121 0.55 -10.03 20.87
C GLY A 121 0.80 -9.30 19.55
N ASP A 122 -0.24 -9.11 18.74
CA ASP A 122 -0.15 -8.29 17.54
C ASP A 122 0.60 -6.97 17.95
N GLY A 123 0.12 -6.37 19.04
CA GLY A 123 0.72 -5.16 19.59
C GLY A 123 2.18 -5.29 19.99
N THR A 124 2.55 -6.41 20.63
CA THR A 124 3.94 -6.62 20.98
C THR A 124 4.85 -6.73 19.74
N PHE A 125 4.37 -7.46 18.73
CA PHE A 125 5.08 -7.58 17.45
C PHE A 125 5.30 -6.19 16.85
N TYR A 126 4.25 -5.37 16.83
CA TYR A 126 4.34 -4.02 16.27
C TYR A 126 5.29 -3.14 17.07
N GLY A 127 5.26 -3.25 18.41
CA GLY A 127 6.24 -2.62 19.29
C GLY A 127 7.68 -2.93 18.89
N VAL A 128 7.96 -4.21 18.59
CA VAL A 128 9.27 -4.60 18.08
C VAL A 128 9.58 -3.96 16.72
N GLN A 129 8.58 -3.85 15.86
CA GLN A 129 8.83 -3.23 14.57
C GLN A 129 9.27 -1.80 14.73
N THR A 130 8.67 -1.07 15.66
CA THR A 130 9.06 0.32 15.89
C THR A 130 10.45 0.37 16.51
N PHE A 131 10.73 -0.51 17.46
CA PHE A 131 12.09 -0.69 17.97
C PHE A 131 13.10 -0.90 16.85
N LYS A 132 12.79 -1.79 15.90
CA LYS A 132 13.69 -2.07 14.77
C LYS A 132 13.98 -0.81 13.94
N GLN A 133 13.00 0.07 13.82
CA GLN A 133 13.14 1.27 13.04
C GLN A 133 13.94 2.36 13.77
N LEU A 134 13.81 2.40 15.10
CA LEU A 134 14.52 3.38 15.96
C LEU A 134 16.02 3.15 16.10
N VAL A 135 16.50 1.91 15.96
CA VAL A 135 17.92 1.66 16.14
C VAL A 135 18.74 1.86 14.87
N LYS A 136 19.75 2.75 14.96
CA LYS A 136 20.73 2.97 13.90
C LYS A 136 22.12 2.78 14.46
N GLU A 137 22.87 1.83 13.89
CA GLU A 137 24.25 1.56 14.30
C GLU A 137 24.35 1.44 15.82
N SER A 138 23.39 0.72 16.40
CA SER A 138 23.31 0.46 17.83
C SER A 138 22.82 1.59 18.72
N ASN A 139 22.66 2.77 18.13
CA ASN A 139 22.19 3.93 18.86
C ASN A 139 20.67 4.00 18.84
N ILE A 140 20.08 4.35 19.99
CA ILE A 140 18.63 4.46 20.10
C ILE A 140 18.21 5.76 20.78
N PRO A 141 17.20 6.47 20.24
CA PRO A 141 16.77 7.63 21.01
C PRO A 141 16.08 7.20 22.27
N GLU A 142 16.01 8.08 23.26
CA GLU A 142 15.27 7.81 24.47
C GLU A 142 13.90 8.44 24.33
N VAL A 143 12.87 7.59 24.24
CA VAL A 143 11.53 8.04 23.93
C VAL A 143 10.43 7.36 24.79
N ASN A 144 9.27 8.00 24.94
CA ASN A 144 8.12 7.38 25.56
C ASN A 144 7.06 7.34 24.48
N ILE A 145 6.63 6.14 24.09
CA ILE A 145 5.66 5.96 23.01
C ILE A 145 4.48 5.16 23.50
N THR A 146 3.30 5.62 23.14
CA THR A 146 2.11 4.78 23.13
C THR A 146 1.57 4.91 21.74
N ASP A 147 1.18 3.77 21.16
CA ASP A 147 0.85 3.73 19.74
C ASP A 147 -0.22 2.65 19.45
N TYR A 148 -1.05 2.90 18.43
CA TYR A 148 -2.20 2.06 18.08
C TYR A 148 -2.75 2.55 16.73
N PRO A 149 -3.44 1.66 15.99
CA PRO A 149 -3.95 2.01 14.65
C PRO A 149 -5.28 2.71 14.67
N THR A 150 -5.49 3.61 13.71
CA THR A 150 -6.79 4.22 13.47
C THR A 150 -7.75 3.19 12.87
N VAL A 151 -7.32 2.49 11.83
CA VAL A 151 -8.17 1.50 11.12
C VAL A 151 -7.81 0.08 11.56
N SER A 152 -8.81 -0.71 11.94
CA SER A 152 -8.46 -2.02 12.51
C SER A 152 -7.99 -3.05 11.48
N ALA A 153 -8.40 -2.94 10.22
CA ALA A 153 -7.86 -3.84 9.19
C ALA A 153 -7.17 -3.02 8.11
N ARG A 154 -5.90 -3.34 7.84
CA ARG A 154 -5.03 -2.54 6.98
C ARG A 154 -4.20 -3.48 6.14
N GLY A 155 -4.19 -3.28 4.83
CA GLY A 155 -3.37 -4.14 4.00
C GLY A 155 -3.65 -4.09 2.54
N ILE A 156 -3.47 -5.23 1.87
CA ILE A 156 -3.40 -5.36 0.42
C ILE A 156 -4.40 -6.40 -0.05
N VAL A 157 -5.13 -6.11 -1.12
CA VAL A 157 -5.87 -7.15 -1.81
C VAL A 157 -5.19 -7.40 -3.15
N GLU A 158 -4.62 -8.60 -3.32
CA GLU A 158 -4.06 -8.99 -4.60
C GLU A 158 -5.23 -9.44 -5.44
N GLY A 159 -5.85 -8.47 -6.13
CA GLY A 159 -7.09 -8.70 -6.90
C GLY A 159 -7.09 -8.10 -8.31
N PHE A 160 -5.90 -7.83 -8.85
CA PHE A 160 -5.77 -7.22 -10.15
C PHE A 160 -5.85 -8.28 -11.25
N TYR A 161 -6.00 -7.82 -12.50
CA TYR A 161 -5.96 -8.69 -13.67
C TYR A 161 -4.56 -8.75 -14.24
N GLY A 162 -4.21 -9.85 -14.88
CA GLY A 162 -2.86 -10.02 -15.43
C GLY A 162 -2.02 -10.95 -14.56
N THR A 163 -0.72 -11.01 -14.86
CA THR A 163 0.19 -11.95 -14.21
C THR A 163 0.24 -11.85 -12.67
N PRO A 164 -0.35 -12.85 -11.98
CA PRO A 164 -0.34 -12.91 -10.53
C PRO A 164 1.08 -12.81 -9.99
N TRP A 165 1.21 -12.24 -8.79
CA TRP A 165 2.47 -12.26 -8.06
C TRP A 165 3.00 -13.69 -7.94
N THR A 166 4.31 -13.84 -7.91
CA THR A 166 4.93 -15.14 -7.76
C THR A 166 4.98 -15.50 -6.28
N HIS A 167 5.27 -16.77 -5.98
CA HIS A 167 5.54 -17.20 -4.60
C HIS A 167 6.60 -16.33 -3.86
N GLN A 168 7.75 -16.07 -4.48
CA GLN A 168 8.77 -15.20 -3.85
C GLN A 168 8.30 -13.76 -3.70
N ASP A 169 7.49 -13.28 -4.62
CA ASP A 169 6.93 -11.92 -4.53
C ASP A 169 6.10 -11.79 -3.24
N ARG A 170 5.22 -12.78 -3.02
CA ARG A 170 4.29 -12.78 -1.89
C ARG A 170 4.97 -12.95 -0.55
N LEU A 171 5.96 -13.85 -0.47
CA LEU A 171 6.75 -14.01 0.76
C LEU A 171 7.46 -12.70 1.14
N ASP A 172 8.08 -12.04 0.15
CA ASP A 172 8.74 -10.75 0.36
C ASP A 172 7.71 -9.68 0.77
N GLN A 173 6.56 -9.66 0.11
CA GLN A 173 5.51 -8.70 0.46
C GLN A 173 5.06 -8.86 1.90
N ILE A 174 4.88 -10.11 2.33
CA ILE A 174 4.39 -10.41 3.68
C ILE A 174 5.32 -9.95 4.78
N LYS A 175 6.62 -10.11 4.57
CA LYS A 175 7.64 -9.61 5.49
C LYS A 175 7.54 -8.08 5.49
N PHE A 176 7.29 -7.50 4.31
CA PHE A 176 7.18 -6.05 4.19
C PHE A 176 5.94 -5.48 4.94
N TYR A 177 4.81 -6.18 4.88
CA TYR A 177 3.60 -5.75 5.57
C TYR A 177 3.84 -5.70 7.06
N GLY A 178 4.37 -6.80 7.61
CA GLY A 178 4.62 -6.91 9.04
C GLY A 178 5.49 -5.77 9.52
N GLU A 179 6.51 -5.43 8.73
CA GLU A 179 7.45 -4.40 9.13
C GLU A 179 6.80 -3.01 9.14
N ASN A 180 5.67 -2.88 8.45
CA ASN A 180 4.99 -1.57 8.33
C ASN A 180 3.58 -1.62 8.95
N LYS A 181 3.36 -2.66 9.77
CA LYS A 181 2.18 -2.84 10.60
C LYS A 181 0.88 -2.98 9.79
N LEU A 182 1.01 -3.48 8.57
CA LEU A 182 -0.15 -3.84 7.76
C LEU A 182 -0.51 -5.27 8.17
N ASN A 183 -1.79 -5.51 8.46
CA ASN A 183 -2.18 -6.79 9.09
C ASN A 183 -3.07 -7.66 8.24
N THR A 184 -3.23 -7.31 6.97
CA THR A 184 -4.18 -7.98 6.09
C THR A 184 -3.62 -8.18 4.69
N TYR A 185 -3.82 -9.38 4.14
CA TYR A 185 -3.43 -9.68 2.75
C TYR A 185 -4.47 -10.58 2.18
N ILE A 186 -5.15 -10.11 1.13
CA ILE A 186 -6.24 -10.87 0.57
C ILE A 186 -5.77 -11.51 -0.70
N TYR A 187 -5.84 -12.82 -0.75
CA TYR A 187 -5.46 -13.56 -1.92
C TYR A 187 -6.67 -13.67 -2.84
N ALA A 188 -6.63 -12.96 -3.97
CA ALA A 188 -7.75 -12.99 -4.95
C ALA A 188 -7.31 -12.62 -6.39
N PRO A 189 -6.24 -13.25 -6.90
CA PRO A 189 -5.84 -12.77 -8.24
C PRO A 189 -6.79 -13.23 -9.33
N LYS A 190 -7.23 -12.28 -10.15
CA LYS A 190 -8.29 -12.54 -11.12
C LYS A 190 -7.92 -13.65 -12.06
N ASP A 191 -6.63 -13.74 -12.37
CA ASP A 191 -6.19 -14.65 -13.40
C ASP A 191 -5.64 -15.95 -12.85
N ASP A 192 -5.72 -16.14 -11.52
CA ASP A 192 -5.47 -17.47 -10.96
C ASP A 192 -6.66 -18.36 -11.33
N PRO A 193 -6.43 -19.39 -12.15
CA PRO A 193 -7.61 -20.16 -12.61
C PRO A 193 -8.46 -20.74 -11.48
N TYR A 194 -7.83 -21.15 -10.37
CA TYR A 194 -8.56 -21.76 -9.26
C TYR A 194 -9.25 -20.77 -8.34
N HIS A 195 -8.95 -19.49 -8.50
CA HIS A 195 -9.64 -18.47 -7.76
C HIS A 195 -10.99 -18.14 -8.37
N ARG A 196 -11.12 -18.26 -9.70
CA ARG A 196 -12.25 -17.66 -10.43
C ARG A 196 -12.75 -18.51 -11.60
N GLU A 197 -11.99 -18.51 -12.69
CA GLU A 197 -12.33 -19.22 -13.93
C GLU A 197 -12.76 -20.66 -13.62
N LYS A 198 -12.06 -21.28 -12.68
CA LYS A 198 -12.28 -22.69 -12.31
C LYS A 198 -12.40 -22.87 -10.79
N TRP A 199 -13.15 -21.98 -10.15
CA TRP A 199 -13.25 -21.93 -8.69
C TRP A 199 -13.62 -23.22 -7.96
N ARG A 200 -14.26 -24.16 -8.67
CA ARG A 200 -14.68 -25.43 -8.05
C ARG A 200 -13.55 -26.42 -7.87
N GLU A 201 -12.54 -26.31 -8.72
CA GLU A 201 -11.45 -27.28 -8.77
C GLU A 201 -10.45 -27.11 -7.62
N PRO A 202 -9.97 -28.24 -7.06
CA PRO A 202 -9.01 -28.14 -5.94
C PRO A 202 -7.64 -27.74 -6.46
N TYR A 203 -6.91 -26.96 -5.65
CA TYR A 203 -5.51 -26.67 -5.93
C TYR A 203 -4.74 -28.01 -5.97
N PRO A 204 -3.84 -28.18 -6.95
CA PRO A 204 -2.95 -29.36 -6.96
C PRO A 204 -2.03 -29.37 -5.73
N GLU A 205 -1.44 -30.52 -5.41
CA GLU A 205 -0.66 -30.68 -4.17
C GLU A 205 0.47 -29.67 -4.01
N SER A 206 1.19 -29.39 -5.09
CA SER A 206 2.34 -28.50 -5.00
C SER A 206 1.95 -27.05 -4.77
N GLU A 207 0.84 -26.63 -5.34
CA GLU A 207 0.28 -25.31 -5.07
C GLU A 207 -0.20 -25.20 -3.63
N MET A 208 -0.79 -26.27 -3.09
CA MET A 208 -1.15 -26.32 -1.68
C MET A 208 0.08 -26.18 -0.76
N GLN A 209 1.24 -26.72 -1.18
CA GLN A 209 2.46 -26.51 -0.43
C GLN A 209 2.92 -25.04 -0.47
N ARG A 210 2.77 -24.38 -1.61
CA ARG A 210 3.07 -22.96 -1.65
C ARG A 210 2.09 -22.18 -0.74
N MET A 211 0.81 -22.57 -0.71
CA MET A 211 -0.15 -21.94 0.19
C MET A 211 0.28 -22.03 1.67
N GLN A 212 0.57 -23.25 2.11
CA GLN A 212 1.04 -23.51 3.46
C GLN A 212 2.18 -22.59 3.81
N GLU A 213 3.15 -22.43 2.90
CA GLU A 213 4.27 -21.53 3.14
C GLU A 213 3.81 -20.09 3.42
N LEU A 214 2.86 -19.60 2.62
CA LEU A 214 2.34 -18.23 2.75
C LEU A 214 1.56 -18.01 4.02
N ILE A 215 0.77 -19.03 4.39
CA ILE A 215 0.05 -19.02 5.65
C ILE A 215 1.01 -18.90 6.86
N ASN A 216 2.04 -19.76 6.85
CA ASN A 216 3.03 -19.78 7.90
C ASN A 216 3.74 -18.43 8.04
N ALA A 217 4.15 -17.87 6.90
CA ALA A 217 4.83 -16.58 6.86
C ALA A 217 3.90 -15.48 7.33
N SER A 218 2.62 -15.59 7.00
CA SER A 218 1.62 -14.61 7.43
C SER A 218 1.49 -14.58 8.94
N ALA A 219 1.34 -15.76 9.54
CA ALA A 219 1.29 -15.90 10.98
C ALA A 219 2.56 -15.33 11.61
N GLU A 220 3.70 -15.63 11.00
CA GLU A 220 5.01 -15.13 11.45
C GLU A 220 5.07 -13.60 11.52
N ASN A 221 4.30 -12.92 10.68
CA ASN A 221 4.35 -11.47 10.54
C ASN A 221 3.06 -10.78 10.93
N LYS A 222 2.17 -11.54 11.57
CA LYS A 222 0.92 -11.04 12.14
C LYS A 222 -0.03 -10.56 11.08
N VAL A 223 0.10 -11.13 9.89
CA VAL A 223 -0.75 -10.79 8.77
C VAL A 223 -1.88 -11.80 8.71
N ASP A 224 -3.10 -11.30 8.58
CA ASP A 224 -4.28 -12.15 8.37
C ASP A 224 -4.36 -12.53 6.91
N PHE A 225 -4.11 -13.78 6.60
CA PHE A 225 -4.18 -14.23 5.24
C PHE A 225 -5.64 -14.46 4.96
N VAL A 226 -6.18 -13.71 4.02
CA VAL A 226 -7.58 -13.88 3.64
C VAL A 226 -7.60 -14.65 2.34
N PHE A 227 -8.26 -15.80 2.36
CA PHE A 227 -8.44 -16.59 1.14
C PHE A 227 -9.72 -16.20 0.44
N GLY A 228 -9.57 -15.60 -0.74
CA GLY A 228 -10.72 -15.17 -1.54
C GLY A 228 -11.10 -16.21 -2.57
N ILE A 229 -12.38 -16.22 -2.95
CA ILE A 229 -12.87 -17.09 -3.99
C ILE A 229 -13.89 -16.25 -4.77
N SER A 230 -13.94 -16.41 -6.10
CA SER A 230 -14.83 -15.63 -6.99
C SER A 230 -15.66 -16.55 -7.88
N PRO A 231 -16.80 -17.03 -7.34
CA PRO A 231 -17.59 -18.04 -8.01
C PRO A 231 -18.72 -17.46 -8.90
N GLY A 232 -18.80 -16.14 -9.05
CA GLY A 232 -19.97 -15.51 -9.67
C GLY A 232 -20.20 -15.70 -11.16
N ILE A 233 -19.18 -16.21 -11.86
CA ILE A 233 -19.29 -16.46 -13.28
C ILE A 233 -20.35 -17.51 -13.58
N ASP A 234 -20.35 -18.62 -12.85
CA ASP A 234 -21.19 -19.75 -13.24
C ASP A 234 -21.76 -20.57 -12.07
N ILE A 235 -21.68 -20.05 -10.86
CA ILE A 235 -22.30 -20.69 -9.70
C ILE A 235 -23.80 -20.75 -9.91
N ARG A 236 -24.40 -21.90 -9.54
CA ARG A 236 -25.85 -22.11 -9.50
C ARG A 236 -26.39 -21.93 -8.07
N PHE A 237 -27.58 -21.33 -7.96
CA PHE A 237 -28.16 -21.03 -6.66
C PHE A 237 -29.26 -21.94 -6.18
N ASP A 238 -30.03 -22.57 -7.08
CA ASP A 238 -31.25 -23.31 -6.66
C ASP A 238 -31.13 -24.84 -6.71
N GLY A 239 -31.95 -25.52 -5.90
CA GLY A 239 -32.02 -26.98 -5.90
C GLY A 239 -30.71 -27.71 -5.66
N ASP A 240 -30.60 -28.89 -6.27
CA ASP A 240 -29.44 -29.77 -6.07
C ASP A 240 -28.15 -29.18 -6.63
N ALA A 241 -28.27 -28.38 -7.68
CA ALA A 241 -27.12 -27.76 -8.29
C ALA A 241 -26.55 -26.72 -7.32
N GLY A 242 -27.47 -25.98 -6.69
CA GLY A 242 -27.14 -24.94 -5.71
C GLY A 242 -26.50 -25.51 -4.47
N GLU A 243 -27.03 -26.63 -3.98
CA GLU A 243 -26.39 -27.43 -2.93
C GLU A 243 -24.94 -27.77 -3.26
N GLU A 244 -24.78 -28.40 -4.43
CA GLU A 244 -23.51 -28.93 -4.86
C GLU A 244 -22.53 -27.76 -5.02
N ASP A 245 -22.99 -26.65 -5.59
CA ASP A 245 -22.11 -25.52 -5.80
C ASP A 245 -21.74 -24.89 -4.50
N PHE A 246 -22.73 -24.73 -3.63
CA PHE A 246 -22.43 -24.29 -2.28
C PHE A 246 -21.39 -25.19 -1.55
N ASN A 247 -21.55 -26.50 -1.60
CA ASN A 247 -20.60 -27.42 -0.97
C ASN A 247 -19.19 -27.35 -1.59
N HIS A 248 -19.09 -26.81 -2.81
CA HIS A 248 -17.80 -26.61 -3.47
C HIS A 248 -17.06 -25.46 -2.78
N LEU A 249 -17.78 -24.38 -2.48
CA LEU A 249 -17.25 -23.31 -1.63
C LEU A 249 -16.77 -23.87 -0.30
N ILE A 250 -17.61 -24.67 0.38
CA ILE A 250 -17.22 -25.26 1.67
C ILE A 250 -15.95 -26.09 1.54
N THR A 251 -15.91 -26.97 0.57
CA THR A 251 -14.78 -27.87 0.40
C THR A 251 -13.50 -27.04 0.17
N LYS A 252 -13.61 -26.02 -0.65
CA LYS A 252 -12.45 -25.23 -1.01
C LYS A 252 -11.96 -24.43 0.20
N ALA A 253 -12.86 -23.71 0.86
CA ALA A 253 -12.52 -22.98 2.09
C ALA A 253 -12.01 -23.90 3.19
N GLU A 254 -12.57 -25.11 3.29
CA GLU A 254 -12.14 -26.07 4.31
C GLU A 254 -10.67 -26.46 4.16
N SER A 255 -10.25 -26.67 2.91
CA SER A 255 -8.92 -27.18 2.63
C SER A 255 -7.87 -26.12 2.97
N LEU A 256 -8.30 -24.85 2.93
CA LEU A 256 -7.44 -23.77 3.39
C LEU A 256 -7.53 -23.54 4.89
N TYR A 257 -8.72 -23.72 5.47
CA TYR A 257 -8.85 -23.71 6.91
C TYR A 257 -7.90 -24.75 7.53
N ASP A 258 -7.86 -25.92 6.92
CA ASP A 258 -7.09 -27.03 7.45
C ASP A 258 -5.57 -26.79 7.37
N MET A 259 -5.15 -25.77 6.63
CA MET A 259 -3.75 -25.37 6.61
C MET A 259 -3.44 -24.19 7.54
N GLY A 260 -4.49 -23.59 8.12
CA GLY A 260 -4.34 -22.48 9.09
C GLY A 260 -5.00 -21.15 8.75
N VAL A 261 -5.78 -21.08 7.66
CA VAL A 261 -6.40 -19.83 7.25
C VAL A 261 -7.59 -19.54 8.14
N ARG A 262 -7.73 -18.30 8.58
CA ARG A 262 -8.82 -17.95 9.45
C ARG A 262 -9.59 -16.72 8.95
N SER A 263 -9.38 -16.35 7.68
CA SER A 263 -10.16 -15.28 7.05
C SER A 263 -10.55 -15.68 5.66
N PHE A 264 -11.78 -15.36 5.27
CA PHE A 264 -12.25 -15.72 3.95
C PHE A 264 -12.97 -14.59 3.26
N ALA A 265 -12.89 -14.57 1.94
CA ALA A 265 -13.61 -13.58 1.16
C ALA A 265 -14.32 -14.27 -0.01
N ILE A 266 -15.57 -13.88 -0.27
CA ILE A 266 -16.31 -14.35 -1.43
C ILE A 266 -16.76 -13.15 -2.26
N TYR A 267 -16.26 -13.07 -3.49
CA TYR A 267 -16.41 -11.89 -4.32
C TYR A 267 -17.36 -12.06 -5.50
N TRP A 268 -18.14 -11.01 -5.75
CA TRP A 268 -19.12 -10.99 -6.83
C TRP A 268 -18.84 -9.94 -7.92
N ASP A 269 -17.67 -9.28 -7.90
CA ASP A 269 -17.38 -8.17 -8.85
C ASP A 269 -17.14 -8.61 -10.31
N ASN A 270 -17.54 -7.78 -11.27
CA ASN A 270 -17.29 -8.02 -12.70
C ASN A 270 -17.92 -9.28 -13.30
N ILE A 271 -19.20 -9.52 -12.98
CA ILE A 271 -19.89 -10.70 -13.47
C ILE A 271 -21.20 -10.27 -14.10
N GLN A 272 -21.77 -11.15 -14.92
CA GLN A 272 -23.00 -10.85 -15.65
C GLN A 272 -24.23 -10.98 -14.76
N ASP A 273 -24.23 -12.01 -13.91
CA ASP A 273 -25.37 -12.34 -13.06
C ASP A 273 -25.55 -11.30 -11.96
N LYS A 274 -26.74 -10.71 -11.91
CA LYS A 274 -27.02 -9.69 -10.91
C LYS A 274 -28.14 -10.06 -9.92
N SER A 275 -28.24 -11.35 -9.59
CA SER A 275 -29.16 -11.85 -8.56
C SER A 275 -28.73 -11.45 -7.12
N ALA A 276 -29.01 -10.20 -6.76
CA ALA A 276 -28.61 -9.64 -5.47
C ALA A 276 -28.97 -10.49 -4.27
N ALA A 277 -30.20 -11.01 -4.27
CA ALA A 277 -30.69 -11.78 -3.13
C ALA A 277 -29.93 -13.10 -3.02
N LYS A 278 -29.66 -13.73 -4.16
CA LYS A 278 -29.00 -15.03 -4.16
C LYS A 278 -27.53 -14.92 -3.76
N HIS A 279 -26.89 -13.84 -4.18
CA HIS A 279 -25.52 -13.51 -3.79
C HIS A 279 -25.47 -13.38 -2.28
N ALA A 280 -26.36 -12.57 -1.72
CA ALA A 280 -26.35 -12.32 -0.28
C ALA A 280 -26.72 -13.57 0.50
N GLN A 281 -27.53 -14.45 -0.09
CA GLN A 281 -27.98 -15.63 0.61
C GLN A 281 -26.79 -16.59 0.76
N VAL A 282 -25.98 -16.68 -0.28
CA VAL A 282 -24.79 -17.52 -0.28
C VAL A 282 -23.86 -17.07 0.86
N LEU A 283 -23.66 -15.76 0.95
CA LEU A 283 -22.84 -15.16 1.98
C LEU A 283 -23.29 -15.53 3.38
N ASN A 284 -24.59 -15.31 3.66
CA ASN A 284 -25.18 -15.59 4.96
C ASN A 284 -25.09 -17.05 5.33
N ARG A 285 -25.21 -17.91 4.33
CA ARG A 285 -25.22 -19.33 4.56
C ARG A 285 -23.82 -19.79 4.95
N PHE A 286 -22.83 -19.27 4.22
CA PHE A 286 -21.43 -19.52 4.49
C PHE A 286 -21.04 -18.92 5.85
N ASN A 287 -21.54 -17.74 6.13
CA ASN A 287 -21.38 -17.10 7.42
C ASN A 287 -21.87 -18.01 8.56
N GLU A 288 -23.02 -18.66 8.39
CA GLU A 288 -23.57 -19.55 9.42
C GLU A 288 -22.96 -20.95 9.43
N GLU A 289 -22.82 -21.59 8.27
CA GLU A 289 -22.33 -22.98 8.26
C GLU A 289 -20.82 -23.09 8.34
N PHE A 290 -20.11 -21.98 8.12
CA PHE A 290 -18.66 -22.00 8.14
C PHE A 290 -18.03 -21.04 9.15
N VAL A 291 -18.16 -19.74 8.92
CA VAL A 291 -17.51 -18.75 9.78
C VAL A 291 -17.92 -18.88 11.24
N LYS A 292 -19.22 -18.89 11.51
CA LYS A 292 -19.67 -19.00 12.90
C LYS A 292 -19.45 -20.37 13.48
N ALA A 293 -19.69 -21.43 12.70
CA ALA A 293 -19.49 -22.81 13.18
C ALA A 293 -18.08 -23.05 13.67
N LYS A 294 -17.11 -22.54 12.90
CA LYS A 294 -15.70 -22.71 13.22
C LYS A 294 -15.29 -21.95 14.49
N GLY A 295 -15.89 -20.77 14.68
CA GLY A 295 -15.74 -20.01 15.93
C GLY A 295 -14.44 -19.27 16.16
N ASP A 296 -13.43 -19.52 15.32
CA ASP A 296 -12.13 -18.85 15.39
C ASP A 296 -11.78 -18.23 14.03
N VAL A 297 -12.83 -18.03 13.23
CA VAL A 297 -12.73 -17.45 11.92
C VAL A 297 -13.21 -16.01 11.99
N LYS A 298 -12.48 -15.13 11.31
CA LYS A 298 -12.77 -13.70 11.32
C LYS A 298 -13.98 -13.42 10.45
N PRO A 299 -14.51 -12.18 10.52
CA PRO A 299 -15.71 -11.86 9.72
C PRO A 299 -15.51 -12.05 8.20
N LEU A 300 -16.49 -12.68 7.54
CA LEU A 300 -16.49 -12.89 6.09
C LEU A 300 -16.42 -11.56 5.34
N ILE A 301 -15.60 -11.52 4.31
CA ILE A 301 -15.43 -10.32 3.50
C ILE A 301 -16.10 -10.59 2.14
N THR A 302 -16.66 -9.52 1.58
CA THR A 302 -17.25 -9.60 0.23
C THR A 302 -17.14 -8.28 -0.55
N VAL A 303 -17.32 -8.37 -1.87
CA VAL A 303 -17.59 -7.23 -2.77
C VAL A 303 -18.82 -7.55 -3.61
N PRO A 304 -19.81 -6.64 -3.61
CA PRO A 304 -21.02 -6.85 -4.42
C PRO A 304 -20.76 -6.60 -5.89
N THR A 305 -21.62 -7.14 -6.75
CA THR A 305 -21.51 -6.90 -8.18
C THR A 305 -21.61 -5.41 -8.54
N GLU A 306 -22.31 -4.63 -7.72
CA GLU A 306 -22.23 -3.17 -7.81
C GLU A 306 -21.36 -2.65 -6.66
N TYR A 307 -20.21 -2.05 -6.99
CA TYR A 307 -19.16 -1.81 -6.00
C TYR A 307 -18.50 -0.44 -6.03
N ASP A 308 -19.01 0.45 -6.86
CA ASP A 308 -18.62 1.85 -6.78
C ASP A 308 -19.86 2.71 -6.74
N THR A 309 -19.80 3.86 -6.09
CA THR A 309 -20.98 4.69 -5.86
C THR A 309 -21.79 4.91 -7.12
N GLY A 310 -21.11 5.21 -8.23
CA GLY A 310 -21.73 5.37 -9.54
C GLY A 310 -22.62 4.21 -9.93
N ALA A 311 -22.16 2.98 -9.73
CA ALA A 311 -22.93 1.79 -10.08
C ALA A 311 -23.93 1.36 -8.97
N MET A 312 -23.80 1.98 -7.80
CA MET A 312 -24.56 1.56 -6.62
C MET A 312 -25.72 2.50 -6.35
N VAL A 313 -25.56 3.75 -6.76
CA VAL A 313 -26.46 4.81 -6.35
C VAL A 313 -26.87 5.66 -7.53
N SER A 314 -28.14 6.04 -7.52
CA SER A 314 -28.79 6.83 -8.60
C SER A 314 -29.68 7.89 -7.95
N ASN A 315 -29.35 9.16 -8.18
CA ASN A 315 -30.06 10.30 -7.57
C ASN A 315 -30.22 10.17 -6.03
N GLY A 316 -29.13 9.80 -5.33
CA GLY A 316 -29.07 9.80 -3.85
C GLY A 316 -29.63 8.53 -3.19
N GLN A 317 -30.29 7.69 -3.99
CA GLN A 317 -30.98 6.48 -3.53
C GLN A 317 -30.36 5.24 -4.18
N PRO A 318 -30.23 4.13 -3.43
CA PRO A 318 -29.56 2.94 -3.99
C PRO A 318 -30.31 2.35 -5.15
N ARG A 319 -29.58 1.76 -6.10
CA ARG A 319 -30.18 1.00 -7.20
C ARG A 319 -30.73 -0.32 -6.68
N ALA A 320 -31.47 -1.01 -7.55
CA ALA A 320 -32.17 -2.23 -7.20
C ALA A 320 -31.22 -3.26 -6.56
N TYR A 321 -30.15 -3.59 -7.27
CA TYR A 321 -29.21 -4.59 -6.80
C TYR A 321 -28.65 -4.22 -5.42
N THR A 322 -28.07 -3.04 -5.32
CA THR A 322 -27.53 -2.57 -4.06
C THR A 322 -28.57 -2.57 -2.93
N ARG A 323 -29.76 -2.02 -3.17
CA ARG A 323 -30.79 -1.97 -2.11
C ARG A 323 -31.13 -3.36 -1.62
N ILE A 324 -31.32 -4.30 -2.55
CA ILE A 324 -31.67 -5.66 -2.15
C ILE A 324 -30.51 -6.30 -1.41
N PHE A 325 -29.31 -6.20 -1.99
CA PHE A 325 -28.09 -6.76 -1.38
C PHE A 325 -27.85 -6.22 0.06
N ALA A 326 -27.97 -4.91 0.26
CA ALA A 326 -27.83 -4.32 1.59
C ALA A 326 -28.89 -4.83 2.59
N GLU A 327 -30.12 -4.97 2.10
CA GLU A 327 -31.26 -5.44 2.88
C GLU A 327 -30.99 -6.88 3.39
N THR A 328 -30.38 -7.71 2.55
CA THR A 328 -30.22 -9.14 2.85
C THR A 328 -28.91 -9.47 3.55
N VAL A 329 -27.80 -8.90 3.10
CA VAL A 329 -26.49 -9.28 3.60
C VAL A 329 -26.38 -9.10 5.11
N ASP A 330 -25.97 -10.16 5.77
CA ASP A 330 -25.72 -10.15 7.20
C ASP A 330 -24.81 -9.01 7.67
N PRO A 331 -25.20 -8.35 8.77
CA PRO A 331 -24.49 -7.22 9.37
C PRO A 331 -23.04 -7.50 9.77
N SER A 332 -22.70 -8.74 10.07
CA SER A 332 -21.35 -9.05 10.53
C SER A 332 -20.35 -9.15 9.37
N ILE A 333 -20.88 -9.27 8.16
CA ILE A 333 -20.05 -9.41 6.94
C ILE A 333 -19.44 -8.09 6.49
N GLU A 334 -18.13 -8.08 6.27
CA GLU A 334 -17.50 -6.90 5.71
C GLU A 334 -17.88 -6.74 4.24
N VAL A 335 -18.29 -5.53 3.85
CA VAL A 335 -18.63 -5.24 2.47
C VAL A 335 -17.67 -4.18 1.99
N MET A 336 -17.06 -4.44 0.83
CA MET A 336 -16.06 -3.52 0.25
C MET A 336 -16.69 -2.72 -0.87
N TRP A 337 -16.14 -1.51 -1.08
CA TRP A 337 -16.48 -0.64 -2.21
C TRP A 337 -15.25 0.18 -2.61
N THR A 338 -15.21 0.61 -3.87
CA THR A 338 -14.02 1.27 -4.40
C THR A 338 -14.02 2.79 -4.25
N GLY A 339 -15.09 3.33 -3.68
CA GLY A 339 -15.29 4.79 -3.62
C GLY A 339 -16.26 5.22 -4.72
N PRO A 340 -16.24 6.52 -5.10
CA PRO A 340 -17.17 7.14 -6.06
C PRO A 340 -17.11 6.57 -7.48
N GLY A 341 -15.99 5.98 -7.85
CA GLY A 341 -15.83 5.29 -9.12
C GLY A 341 -14.92 4.09 -8.89
N VAL A 342 -14.70 3.31 -9.95
CA VAL A 342 -13.84 2.14 -9.88
C VAL A 342 -12.40 2.53 -9.56
N VAL A 343 -11.88 3.50 -10.32
CA VAL A 343 -10.60 4.15 -10.10
C VAL A 343 -10.95 5.64 -10.12
N THR A 344 -10.67 6.37 -9.06
CA THR A 344 -11.30 7.65 -8.84
C THR A 344 -10.35 8.54 -8.04
N ASN A 345 -10.46 9.87 -8.20
CA ASN A 345 -9.56 10.84 -7.50
C ASN A 345 -9.65 10.85 -5.99
N GLU A 346 -10.86 10.63 -5.48
CA GLU A 346 -11.17 11.01 -4.11
C GLU A 346 -12.07 9.98 -3.48
N ILE A 347 -11.98 9.85 -2.17
CA ILE A 347 -13.13 9.40 -1.40
C ILE A 347 -13.37 10.47 -0.36
N PRO A 348 -14.27 11.40 -0.68
CA PRO A 348 -14.63 12.38 0.33
C PRO A 348 -15.48 11.71 1.42
N LEU A 349 -15.43 12.29 2.63
CA LEU A 349 -16.24 11.81 3.76
C LEU A 349 -17.68 11.55 3.35
N SER A 350 -18.27 12.48 2.58
CA SER A 350 -19.66 12.37 2.18
C SER A 350 -19.97 11.13 1.34
N ASP A 351 -19.00 10.60 0.61
CA ASP A 351 -19.19 9.32 -0.12
C ASP A 351 -19.27 8.10 0.82
N ALA A 352 -18.34 8.01 1.77
CA ALA A 352 -18.41 6.96 2.79
C ALA A 352 -19.65 7.08 3.66
N GLN A 353 -20.13 8.30 3.90
CA GLN A 353 -21.35 8.49 4.67
C GLN A 353 -22.58 7.91 3.95
N LEU A 354 -22.67 8.20 2.66
CA LEU A 354 -23.75 7.71 1.83
C LEU A 354 -23.82 6.18 1.82
N ILE A 355 -22.68 5.55 1.55
CA ILE A 355 -22.58 4.09 1.40
C ILE A 355 -22.69 3.38 2.76
N SER A 356 -22.01 3.90 3.77
CA SER A 356 -22.16 3.36 5.10
C SER A 356 -23.61 3.40 5.56
N GLY A 357 -24.36 4.39 5.07
CA GLY A 357 -25.77 4.56 5.41
C GLY A 357 -26.65 3.51 4.74
N ILE A 358 -26.40 3.26 3.47
CA ILE A 358 -27.11 2.21 2.73
C ILE A 358 -26.89 0.83 3.35
N TYR A 359 -25.68 0.58 3.84
CA TYR A 359 -25.35 -0.70 4.49
C TYR A 359 -25.50 -0.78 6.02
N ASP A 360 -25.95 0.29 6.68
CA ASP A 360 -26.05 0.31 8.15
C ASP A 360 -24.82 -0.39 8.80
N ARG A 361 -23.61 0.01 8.37
CA ARG A 361 -22.36 -0.55 8.94
C ARG A 361 -21.11 0.26 8.56
N ASN A 362 -20.03 0.01 9.30
CA ASN A 362 -18.70 0.42 8.87
C ASN A 362 -18.26 -0.33 7.61
N MET A 363 -17.74 0.42 6.64
CA MET A 363 -17.42 -0.12 5.32
C MET A 363 -15.96 -0.56 5.21
N ALA A 364 -15.66 -1.31 4.16
CA ALA A 364 -14.32 -1.66 3.78
C ALA A 364 -14.01 -1.06 2.41
N VAL A 365 -12.79 -0.57 2.24
CA VAL A 365 -12.39 0.03 0.97
C VAL A 365 -11.53 -0.93 0.19
N TRP A 366 -11.82 -1.06 -1.10
CA TRP A 366 -10.93 -1.72 -2.03
C TRP A 366 -10.49 -0.55 -2.87
N TRP A 367 -9.28 -0.08 -2.61
CA TRP A 367 -8.74 1.10 -3.25
C TRP A 367 -7.86 0.71 -4.43
N ASN A 368 -8.35 1.01 -5.64
CA ASN A 368 -7.67 0.71 -6.88
C ASN A 368 -6.57 1.70 -7.27
N TYR A 369 -5.55 1.74 -6.40
CA TYR A 369 -4.29 2.41 -6.63
C TYR A 369 -3.34 1.71 -5.65
N PRO A 370 -2.14 1.32 -6.12
CA PRO A 370 -1.51 1.59 -7.39
C PRO A 370 -1.78 0.64 -8.55
N VAL A 371 -2.80 -0.22 -8.49
CA VAL A 371 -3.09 -1.14 -9.58
C VAL A 371 -3.00 -0.41 -10.93
N THR A 372 -2.45 -1.07 -11.94
CA THR A 372 -2.31 -0.49 -13.27
C THR A 372 -2.73 -1.45 -14.38
N ASP A 373 -3.62 -2.39 -14.07
CA ASP A 373 -4.01 -3.39 -15.09
C ASP A 373 -4.79 -2.79 -16.27
N TYR A 374 -5.30 -1.57 -16.06
CA TYR A 374 -6.14 -0.87 -17.05
C TYR A 374 -5.33 0.06 -17.94
N PHE A 375 -4.04 0.21 -17.62
CA PHE A 375 -3.14 1.16 -18.29
C PHE A 375 -1.69 0.75 -17.95
N LYS A 376 -1.27 -0.37 -18.51
CA LYS A 376 -0.07 -1.08 -18.08
C LYS A 376 1.23 -0.38 -18.43
N GLY A 377 1.20 0.67 -19.23
CA GLY A 377 2.42 1.32 -19.63
C GLY A 377 2.99 2.21 -18.55
N LYS A 378 2.17 2.57 -17.57
CA LYS A 378 2.61 3.50 -16.55
C LYS A 378 2.78 2.78 -15.22
N LEU A 379 3.79 3.21 -14.46
CA LEU A 379 3.92 2.85 -13.07
C LEU A 379 3.16 3.86 -12.20
N ALA A 380 2.48 3.34 -11.17
CA ALA A 380 1.82 4.19 -10.19
C ALA A 380 2.71 4.25 -8.96
N LEU A 381 3.44 5.37 -8.79
CA LEU A 381 4.50 5.48 -7.80
C LEU A 381 4.29 6.61 -6.80
N GLY A 382 3.04 7.06 -6.66
CA GLY A 382 2.71 8.12 -5.72
C GLY A 382 2.08 7.61 -4.44
N PRO A 383 1.77 8.53 -3.52
CA PRO A 383 1.23 8.19 -2.21
C PRO A 383 -0.29 8.02 -2.27
N MET A 384 -0.87 7.51 -1.18
CA MET A 384 -2.31 7.60 -0.99
C MET A 384 -2.68 9.07 -1.12
N HIS A 385 -3.70 9.34 -1.95
CA HIS A 385 -4.06 10.71 -2.31
C HIS A 385 -5.55 10.78 -2.59
N GLY A 386 -6.20 11.82 -2.05
CA GLY A 386 -7.65 12.01 -2.24
C GLY A 386 -8.55 11.26 -1.27
N LEU A 387 -7.97 10.56 -0.29
CA LEU A 387 -8.75 9.80 0.66
C LEU A 387 -8.90 10.65 1.89
N ASP A 388 -10.14 10.87 2.29
CA ASP A 388 -10.46 11.85 3.33
C ASP A 388 -9.85 11.39 4.66
N LYS A 389 -9.35 12.34 5.43
CA LYS A 389 -8.59 12.01 6.63
C LYS A 389 -9.49 11.76 7.83
N GLY A 390 -10.79 11.83 7.61
CA GLY A 390 -11.76 11.49 8.64
C GLY A 390 -12.48 10.20 8.26
N LEU A 391 -11.93 9.49 7.27
CA LEU A 391 -12.62 8.34 6.69
C LEU A 391 -12.93 7.23 7.67
N ASN A 392 -12.14 7.13 8.74
CA ASN A 392 -12.31 6.10 9.76
C ASN A 392 -13.66 6.14 10.50
N GLN A 393 -14.36 7.27 10.37
CA GLN A 393 -15.71 7.42 10.92
C GLN A 393 -16.71 6.47 10.27
N TYR A 394 -16.47 6.10 9.02
CA TYR A 394 -17.39 5.20 8.32
C TYR A 394 -16.75 3.94 7.76
N VAL A 395 -15.43 3.84 7.90
CA VAL A 395 -14.63 2.77 7.32
C VAL A 395 -13.77 2.18 8.44
N ASP A 396 -13.69 0.86 8.51
CA ASP A 396 -12.85 0.22 9.50
C ASP A 396 -11.96 -0.89 8.90
N PHE A 397 -11.88 -0.91 7.57
CA PHE A 397 -11.17 -1.95 6.85
C PHE A 397 -10.61 -1.24 5.59
N PHE A 398 -9.28 -1.17 5.46
CA PHE A 398 -8.69 -0.48 4.33
C PHE A 398 -7.66 -1.34 3.61
N THR A 399 -7.81 -1.50 2.30
CA THR A 399 -6.84 -2.26 1.49
C THR A 399 -6.59 -1.63 0.13
N VAL A 400 -5.35 -1.68 -0.35
CA VAL A 400 -5.07 -1.20 -1.68
C VAL A 400 -4.86 -2.38 -2.61
N ASN A 401 -5.30 -2.19 -3.85
CA ASN A 401 -5.01 -3.11 -4.93
C ASN A 401 -3.69 -2.64 -5.61
N PRO A 402 -2.63 -3.49 -5.56
CA PRO A 402 -1.30 -3.11 -6.01
C PRO A 402 -1.13 -3.38 -7.51
N MET A 403 0.05 -3.09 -8.05
CA MET A 403 0.37 -3.40 -9.44
C MET A 403 0.82 -4.84 -9.56
N GLU A 404 0.88 -5.38 -10.79
CA GLU A 404 1.47 -6.69 -10.99
C GLU A 404 2.98 -6.68 -10.69
N HIS A 405 3.55 -5.48 -10.55
CA HIS A 405 4.95 -5.21 -10.14
C HIS A 405 5.05 -5.07 -8.62
N ALA A 406 5.48 -6.14 -7.95
CA ALA A 406 5.43 -6.20 -6.51
C ALA A 406 6.40 -5.22 -5.91
N GLU A 407 7.60 -5.14 -6.50
CA GLU A 407 8.64 -4.32 -5.90
C GLU A 407 8.28 -2.82 -5.81
N LEU A 408 7.85 -2.25 -6.93
CA LEU A 408 7.59 -0.83 -6.98
C LEU A 408 6.24 -0.49 -6.35
N SER A 409 5.41 -1.49 -6.12
CA SER A 409 4.17 -1.28 -5.40
C SER A 409 4.51 -0.86 -3.97
N LYS A 410 5.68 -1.27 -3.50
CA LYS A 410 6.08 -0.95 -2.13
C LYS A 410 6.02 0.54 -1.83
N ILE A 411 6.26 1.40 -2.82
CA ILE A 411 6.28 2.83 -2.54
C ILE A 411 4.89 3.28 -2.10
N SER A 412 3.88 2.88 -2.85
CA SER A 412 2.54 3.29 -2.57
C SER A 412 1.97 2.67 -1.31
N ILE A 413 2.30 1.39 -1.09
CA ILE A 413 1.85 0.63 0.07
C ILE A 413 2.43 1.24 1.35
N HIS A 414 3.71 1.61 1.30
CA HIS A 414 4.37 2.31 2.41
C HIS A 414 3.48 3.44 2.92
N THR A 415 2.98 4.26 1.99
CA THR A 415 2.14 5.39 2.37
C THR A 415 0.74 4.93 2.86
N ALA A 416 0.26 3.79 2.34
CA ALA A 416 -1.00 3.22 2.80
C ALA A 416 -0.89 2.73 4.23
N ALA A 417 0.29 2.24 4.62
CA ALA A 417 0.53 1.84 6.00
C ALA A 417 0.38 3.03 6.92
N ASP A 418 0.90 4.19 6.50
CA ASP A 418 0.90 5.38 7.34
C ASP A 418 -0.49 5.93 7.46
N TYR A 419 -1.22 5.92 6.35
CA TYR A 419 -2.53 6.58 6.27
C TYR A 419 -3.56 5.80 7.07
N SER A 420 -3.46 4.49 7.08
CA SER A 420 -4.47 3.69 7.75
C SER A 420 -4.11 3.48 9.23
N TRP A 421 -2.83 3.63 9.57
CA TRP A 421 -2.45 3.50 10.96
C TRP A 421 -2.69 4.81 11.75
N ASN A 422 -2.23 5.94 11.20
CA ASN A 422 -2.34 7.21 11.88
C ASN A 422 -2.94 8.21 10.88
N MET A 423 -4.26 8.13 10.75
CA MET A 423 -4.98 8.79 9.65
C MET A 423 -5.03 10.30 9.74
N ASP A 424 -5.28 10.84 10.92
CA ASP A 424 -5.47 12.29 11.04
C ASP A 424 -4.17 13.07 10.85
N ASN A 425 -3.03 12.42 11.08
CA ASN A 425 -1.70 13.04 10.96
C ASN A 425 -1.10 12.92 9.56
N TYR A 426 -1.78 12.24 8.66
CA TYR A 426 -1.22 11.86 7.37
C TYR A 426 -1.00 13.04 6.40
N ASP A 427 0.25 13.18 5.97
CA ASP A 427 0.67 14.22 5.02
C ASP A 427 1.26 13.51 3.79
N TYR A 428 0.48 13.45 2.71
CA TYR A 428 0.89 12.66 1.53
C TYR A 428 2.26 12.98 0.95
N ASP A 429 2.68 14.26 0.92
CA ASP A 429 4.04 14.60 0.44
C ASP A 429 5.11 14.10 1.43
N LYS A 430 4.89 14.27 2.73
CA LYS A 430 5.86 13.82 3.71
C LYS A 430 5.98 12.30 3.70
N ALA A 431 4.84 11.62 3.57
CA ALA A 431 4.75 10.16 3.54
C ALA A 431 5.39 9.59 2.28
N TRP A 432 5.18 10.28 1.17
CA TRP A 432 5.78 9.89 -0.11
C TRP A 432 7.30 9.98 -0.06
N ASN A 433 7.79 11.09 0.47
CA ASN A 433 9.22 11.31 0.65
C ASN A 433 9.85 10.30 1.58
N ARG A 434 9.14 9.99 2.66
CA ARG A 434 9.63 9.06 3.64
C ARG A 434 9.69 7.65 3.07
N ALA A 435 8.66 7.26 2.33
CA ALA A 435 8.63 5.98 1.66
C ALA A 435 9.89 5.81 0.83
N ILE A 436 10.18 6.78 -0.04
CA ILE A 436 11.33 6.63 -0.95
C ILE A 436 12.64 6.64 -0.15
N ASP A 437 12.71 7.49 0.87
CA ASP A 437 13.90 7.58 1.72
C ASP A 437 14.21 6.25 2.40
N MET A 438 13.17 5.61 2.92
CA MET A 438 13.32 4.38 3.68
C MET A 438 13.60 3.20 2.75
N LEU A 439 12.94 3.19 1.60
CA LEU A 439 13.10 2.11 0.66
C LEU A 439 14.35 2.16 -0.20
N TYR A 440 14.90 3.35 -0.46
CA TYR A 440 15.92 3.48 -1.52
C TYR A 440 17.34 3.83 -1.10
N GLY A 441 17.49 4.37 0.11
CA GLY A 441 18.82 4.62 0.68
C GLY A 441 19.66 5.61 -0.11
N ASP A 442 20.86 5.21 -0.50
CA ASP A 442 21.74 6.08 -1.22
C ASP A 442 21.05 6.70 -2.45
N LEU A 443 20.12 5.96 -3.05
CA LEU A 443 19.47 6.36 -4.33
C LEU A 443 18.17 7.11 -4.18
N ALA A 444 17.77 7.42 -2.96
CA ALA A 444 16.48 8.03 -2.70
C ALA A 444 16.26 9.33 -3.46
N GLU A 445 17.26 10.21 -3.46
CA GLU A 445 17.07 11.52 -4.06
C GLU A 445 16.77 11.35 -5.54
N ASP A 446 17.52 10.47 -6.20
CA ASP A 446 17.29 10.25 -7.63
C ASP A 446 15.99 9.56 -7.91
N MET A 447 15.61 8.59 -7.07
CA MET A 447 14.35 7.92 -7.25
C MET A 447 13.19 8.91 -7.13
N LYS A 448 13.26 9.84 -6.16
CA LYS A 448 12.24 10.88 -6.05
C LYS A 448 12.10 11.62 -7.38
N VAL A 449 13.21 12.01 -7.98
CA VAL A 449 13.19 12.75 -9.24
C VAL A 449 12.39 12.00 -10.32
N PHE A 450 12.63 10.70 -10.40
CA PHE A 450 11.97 9.83 -11.40
C PHE A 450 10.51 9.60 -11.02
N ALA A 451 10.29 9.03 -9.84
CA ALA A 451 8.95 8.72 -9.33
C ALA A 451 8.02 9.93 -9.34
N ASN A 452 8.57 11.11 -9.07
CA ASN A 452 7.83 12.36 -9.08
C ASN A 452 7.03 12.60 -10.36
N HIS A 453 7.53 12.04 -11.47
CA HIS A 453 6.90 12.18 -12.77
C HIS A 453 5.95 11.02 -13.05
N SER A 454 5.70 10.18 -12.06
CA SER A 454 4.93 8.96 -12.32
C SER A 454 3.90 8.62 -11.23
N THR A 455 3.09 9.61 -10.87
CA THR A 455 2.19 9.48 -9.74
C THR A 455 0.73 9.51 -10.19
N ARG A 456 0.47 10.06 -11.39
CA ARG A 456 -0.89 10.26 -11.90
C ARG A 456 -1.35 9.17 -12.89
N MET A 457 -2.43 8.48 -12.56
CA MET A 457 -3.00 7.49 -13.47
C MET A 457 -4.23 8.09 -14.15
N ASP A 458 -4.24 8.07 -15.48
CA ASP A 458 -5.32 8.62 -16.28
C ASP A 458 -5.37 7.89 -17.62
N ASN A 459 -6.33 6.97 -17.77
CA ASN A 459 -6.58 6.28 -19.06
C ASN A 459 -7.41 7.09 -20.09
N LYS A 460 -7.67 8.36 -19.77
CA LYS A 460 -8.35 9.34 -20.66
C LYS A 460 -9.86 9.17 -20.70
N THR A 461 -10.37 8.05 -20.15
CA THR A 461 -11.82 7.85 -20.05
C THR A 461 -12.29 7.77 -18.60
N TRP A 462 -12.62 6.54 -18.18
CA TRP A 462 -13.27 6.28 -16.91
C TRP A 462 -12.34 6.23 -15.68
N ALA A 463 -11.04 5.96 -15.88
CA ALA A 463 -10.10 5.75 -14.78
C ALA A 463 -9.13 6.90 -14.58
N LYS A 464 -9.19 7.54 -13.41
CA LYS A 464 -8.34 8.70 -13.08
C LYS A 464 -8.09 8.68 -11.59
N SER A 465 -6.82 8.65 -11.16
CA SER A 465 -6.49 8.81 -9.74
C SER A 465 -5.03 9.10 -9.46
N GLY A 466 -4.75 9.68 -8.29
CA GLY A 466 -3.38 9.90 -7.85
C GLY A 466 -2.97 11.35 -7.90
N ARG A 467 -1.96 11.69 -7.12
CA ARG A 467 -1.39 13.03 -7.13
C ARG A 467 -0.94 13.38 -8.54
N GLU A 468 -1.14 14.64 -8.95
CA GLU A 468 -0.66 15.09 -10.26
C GLU A 468 0.85 14.83 -10.41
N ASP A 469 1.28 14.63 -11.66
CA ASP A 469 2.68 14.45 -11.99
C ASP A 469 3.42 15.76 -11.77
N ALA A 470 4.60 15.66 -11.14
CA ALA A 470 5.52 16.79 -10.87
C ALA A 470 4.90 18.19 -10.95
N PRO A 471 4.03 18.53 -9.98
CA PRO A 471 3.22 19.77 -10.04
C PRO A 471 4.06 21.06 -10.05
N GLU A 472 5.17 21.06 -9.31
CA GLU A 472 6.02 22.25 -9.19
C GLU A 472 6.67 22.60 -10.53
N LEU A 473 7.03 21.57 -11.30
CA LEU A 473 7.57 21.71 -12.65
C LEU A 473 6.50 22.22 -13.64
N ARG A 474 5.31 21.66 -13.56
CA ARG A 474 4.17 22.05 -14.36
C ARG A 474 3.84 23.52 -14.15
N ALA A 475 4.10 24.00 -12.94
CA ALA A 475 3.80 25.38 -12.54
C ALA A 475 4.81 26.32 -13.20
N LYS A 476 6.09 25.94 -13.15
CA LYS A 476 7.15 26.63 -13.86
C LYS A 476 6.94 26.66 -15.39
N MET A 477 6.55 25.53 -15.97
CA MET A 477 6.24 25.49 -17.39
C MET A 477 5.10 26.45 -17.76
N ASP A 478 4.00 26.36 -17.02
CA ASP A 478 2.84 27.26 -17.19
C ASP A 478 3.28 28.74 -17.09
N GLU A 479 4.03 29.04 -16.03
CA GLU A 479 4.65 30.34 -15.81
C GLU A 479 5.50 30.82 -17.02
N LEU A 480 6.33 29.94 -17.58
CA LEU A 480 7.08 30.27 -18.79
C LEU A 480 6.21 30.68 -19.99
N TRP A 481 5.15 29.94 -20.30
CA TRP A 481 4.25 30.37 -21.38
C TRP A 481 3.63 31.75 -21.13
N ASN A 482 3.39 32.07 -19.84
CA ASN A 482 2.87 33.39 -19.46
C ASN A 482 3.88 34.51 -19.65
N LYS A 483 5.11 34.30 -19.21
CA LYS A 483 6.17 35.28 -19.42
C LYS A 483 6.46 35.53 -20.91
N LEU A 484 6.15 34.56 -21.77
CA LEU A 484 6.47 34.68 -23.18
C LEU A 484 5.36 35.36 -23.98
N SER A 485 4.10 34.99 -23.71
CA SER A 485 2.98 35.54 -24.46
C SER A 485 2.67 36.97 -24.01
N SER A 486 3.17 37.34 -22.82
CA SER A 486 3.14 38.73 -22.35
C SER A 486 4.56 39.37 -22.43
N LYS A 487 5.37 38.82 -23.32
CA LYS A 487 6.74 39.30 -23.63
C LYS A 487 7.63 39.80 -22.45
N GLU A 488 7.44 39.26 -21.24
CA GLU A 488 8.34 39.57 -20.09
C GLU A 488 9.70 38.83 -20.26
N ASP A 489 10.76 39.29 -19.58
CA ASP A 489 12.08 38.63 -19.63
C ASP A 489 12.05 37.28 -18.91
N ALA A 490 12.16 36.21 -19.71
CA ALA A 490 11.99 34.84 -19.22
C ALA A 490 13.32 34.16 -18.89
N SER A 491 14.43 34.85 -19.14
CA SER A 491 15.74 34.20 -19.13
C SER A 491 16.19 33.51 -17.82
N ALA A 492 15.74 34.00 -16.67
CA ALA A 492 16.07 33.36 -15.39
C ALA A 492 15.34 32.00 -15.21
N LEU A 493 14.09 31.95 -15.67
CA LEU A 493 13.28 30.74 -15.64
C LEU A 493 13.82 29.68 -16.60
N ILE A 494 14.24 30.11 -17.78
CA ILE A 494 14.85 29.25 -18.78
C ILE A 494 16.11 28.53 -18.26
N GLU A 495 17.00 29.23 -17.53
CA GLU A 495 18.16 28.54 -16.92
C GLU A 495 17.72 27.54 -15.83
N GLU A 496 16.79 27.96 -14.97
CA GLU A 496 16.19 27.14 -13.93
C GLU A 496 15.66 25.83 -14.57
N LEU A 497 14.95 25.97 -15.68
CA LEU A 497 14.34 24.83 -16.39
C LEU A 497 15.34 23.90 -17.11
N TYR A 498 16.41 24.44 -17.69
CA TYR A 498 17.48 23.60 -18.23
C TYR A 498 18.08 22.71 -17.14
N GLY A 499 18.22 23.26 -15.93
CA GLY A 499 18.72 22.51 -14.78
C GLY A 499 17.83 21.31 -14.43
N GLU A 500 16.51 21.51 -14.46
CA GLU A 500 15.53 20.48 -14.11
C GLU A 500 15.55 19.34 -15.13
N PHE A 501 15.52 19.69 -16.42
CA PHE A 501 15.64 18.72 -17.50
C PHE A 501 16.99 17.96 -17.48
N ALA A 502 18.08 18.67 -17.21
CA ALA A 502 19.38 18.01 -17.06
C ALA A 502 19.30 17.02 -15.89
N ARG A 503 18.65 17.46 -14.81
CA ARG A 503 18.58 16.72 -13.57
C ARG A 503 17.79 15.41 -13.72
N MET A 504 16.70 15.49 -14.48
CA MET A 504 15.85 14.34 -14.77
C MET A 504 16.67 13.25 -15.47
N GLU A 505 17.44 13.68 -16.45
CA GLU A 505 18.31 12.83 -17.20
C GLU A 505 19.44 12.26 -16.32
N GLU A 506 20.17 13.12 -15.60
CA GLU A 506 21.21 12.70 -14.64
C GLU A 506 20.68 11.62 -13.69
N ALA A 507 19.53 11.89 -13.07
CA ALA A 507 18.92 10.98 -12.08
C ALA A 507 18.54 9.64 -12.70
N CYS A 508 17.87 9.67 -13.84
CA CYS A 508 17.46 8.44 -14.50
C CYS A 508 18.64 7.58 -14.95
N ASN A 509 19.71 8.20 -15.45
CA ASN A 509 20.93 7.47 -15.81
C ASN A 509 21.57 6.83 -14.56
N ASN A 510 21.55 7.56 -13.44
CA ASN A 510 22.04 7.01 -12.19
C ASN A 510 21.22 5.79 -11.70
N LEU A 511 19.89 5.86 -11.82
CA LEU A 511 19.04 4.73 -11.43
C LEU A 511 19.33 3.50 -12.30
N LYS A 512 19.42 3.70 -13.62
CA LYS A 512 19.72 2.62 -14.57
C LYS A 512 21.02 1.92 -14.25
N ALA A 513 21.97 2.68 -13.73
CA ALA A 513 23.27 2.13 -13.45
C ALA A 513 23.27 1.44 -12.10
N ASN A 514 22.56 2.00 -11.12
CA ASN A 514 22.70 1.58 -9.70
C ASN A 514 21.54 0.86 -8.98
N LEU A 515 20.33 0.93 -9.53
CA LEU A 515 19.21 0.16 -8.95
C LEU A 515 19.49 -1.35 -8.98
N PRO A 516 19.16 -2.08 -7.88
CA PRO A 516 19.18 -3.55 -7.90
C PRO A 516 18.23 -4.15 -8.95
N GLU A 517 18.50 -5.36 -9.42
CA GLU A 517 17.67 -6.01 -10.43
C GLU A 517 16.18 -5.91 -10.10
N VAL A 518 15.84 -6.28 -8.86
CA VAL A 518 14.44 -6.39 -8.43
C VAL A 518 13.61 -5.10 -8.67
N ALA A 519 14.23 -3.93 -8.47
CA ALA A 519 13.58 -2.68 -8.85
C ALA A 519 13.76 -2.41 -10.35
N LEU A 520 15.01 -2.52 -10.82
CA LEU A 520 15.32 -2.16 -12.21
C LEU A 520 14.47 -2.87 -13.26
N GLU A 521 14.24 -4.17 -13.11
CA GLU A 521 13.44 -4.95 -14.10
C GLU A 521 11.98 -4.59 -14.11
N GLU A 522 11.58 -3.69 -13.22
CA GLU A 522 10.20 -3.22 -13.16
C GLU A 522 10.01 -1.84 -13.80
N CYS A 523 11.06 -1.02 -13.83
CA CYS A 523 10.94 0.37 -14.26
C CYS A 523 11.92 0.78 -15.37
N SER A 524 12.71 -0.17 -15.88
CA SER A 524 13.75 0.17 -16.87
C SER A 524 13.24 0.86 -18.14
N ARG A 525 12.08 0.46 -18.64
CA ARG A 525 11.49 1.06 -19.86
C ARG A 525 10.94 2.47 -19.60
N GLN A 526 10.47 2.69 -18.39
CA GLN A 526 9.98 4.00 -17.97
C GLN A 526 11.14 4.99 -17.69
N LEU A 527 12.24 4.49 -17.13
CA LEU A 527 13.48 5.29 -17.03
C LEU A 527 13.90 5.79 -18.41
N ASP A 528 14.01 4.88 -19.38
CA ASP A 528 14.36 5.22 -20.78
C ASP A 528 13.42 6.31 -21.34
N GLU A 529 12.12 6.17 -21.05
CA GLU A 529 11.09 7.11 -21.48
C GLU A 529 11.28 8.53 -20.88
N LEU A 530 11.56 8.63 -19.59
CA LEU A 530 11.75 9.93 -18.98
C LEU A 530 13.06 10.62 -19.46
N ILE A 531 14.09 9.85 -19.76
CA ILE A 531 15.30 10.40 -20.34
C ILE A 531 14.99 10.97 -21.73
N THR A 532 14.25 10.22 -22.52
CA THR A 532 13.83 10.69 -23.83
C THR A 532 13.07 12.03 -23.71
N LEU A 533 12.06 12.08 -22.83
CA LEU A 533 11.27 13.28 -22.65
C LEU A 533 12.09 14.43 -22.13
N ALA A 534 13.01 14.16 -21.20
CA ALA A 534 13.87 15.22 -20.69
C ALA A 534 14.66 15.82 -21.84
N GLN A 535 15.17 14.97 -22.71
CA GLN A 535 15.95 15.42 -23.87
C GLN A 535 15.08 16.26 -24.79
N GLY A 536 13.82 15.88 -24.91
CA GLY A 536 12.87 16.62 -25.73
C GLY A 536 12.41 17.93 -25.13
N ASP A 537 12.31 17.99 -23.80
CA ASP A 537 12.08 19.24 -23.11
C ASP A 537 13.27 20.17 -23.35
N LYS A 538 14.50 19.65 -23.24
CA LYS A 538 15.72 20.46 -23.48
C LYS A 538 15.70 21.10 -24.88
N ALA A 539 15.46 20.29 -25.91
CA ALA A 539 15.34 20.82 -27.27
C ALA A 539 14.18 21.82 -27.38
N SER A 540 13.08 21.58 -26.66
CA SER A 540 11.98 22.51 -26.63
C SER A 540 12.43 23.91 -26.15
N LEU A 541 13.23 23.98 -25.09
CA LEU A 541 13.78 25.24 -24.64
C LEU A 541 14.70 25.87 -25.67
N ASP A 542 15.62 25.07 -26.26
CA ASP A 542 16.44 25.51 -27.38
C ASP A 542 15.58 26.15 -28.48
N MET A 543 14.42 25.55 -28.76
CA MET A 543 13.43 26.14 -29.68
C MET A 543 12.94 27.53 -29.24
N ILE A 544 12.56 27.66 -27.96
CA ILE A 544 12.09 28.93 -27.42
C ILE A 544 13.20 29.97 -27.52
N VAL A 545 14.40 29.60 -27.05
CA VAL A 545 15.55 30.49 -27.06
C VAL A 545 15.94 30.95 -28.48
N ALA A 546 15.94 30.04 -29.45
CA ALA A 546 16.33 30.36 -30.82
C ALA A 546 15.29 31.22 -31.55
N GLN A 547 14.01 31.01 -31.25
CA GLN A 547 12.94 31.87 -31.77
C GLN A 547 13.10 33.28 -31.20
N LEU A 548 13.41 33.38 -29.91
CA LEU A 548 13.69 34.65 -29.27
C LEU A 548 14.88 35.35 -29.91
N ASN A 549 15.92 34.58 -30.25
CA ASN A 549 17.15 35.12 -30.82
C ASN A 549 17.06 35.28 -32.33
N GLU A 550 15.84 35.17 -32.88
CA GLU A 550 15.54 35.13 -34.34
C GLU A 550 16.53 34.26 -35.17
N ASP A 551 16.98 33.12 -34.60
CA ASP A 551 17.99 32.20 -35.21
C ASP A 551 17.31 31.00 -35.88
N THR A 552 17.21 31.02 -37.21
CA THR A 552 16.46 29.99 -37.95
C THR A 552 17.16 28.62 -37.98
N GLU A 553 18.46 28.64 -38.26
CA GLU A 553 19.33 27.45 -38.21
C GLU A 553 19.11 26.66 -36.88
N ALA A 554 19.31 27.34 -35.74
CA ALA A 554 19.13 26.74 -34.40
C ALA A 554 17.70 26.27 -34.11
N TYR A 555 16.72 27.04 -34.55
CA TYR A 555 15.31 26.70 -34.35
C TYR A 555 14.90 25.43 -35.08
N GLU A 556 15.20 25.33 -36.37
CA GLU A 556 14.81 24.14 -37.16
C GLU A 556 15.54 22.88 -36.72
N SER A 557 16.77 23.04 -36.24
CA SER A 557 17.56 21.93 -35.76
C SER A 557 16.99 21.40 -34.43
N ALA A 558 16.81 22.31 -33.46
CA ALA A 558 16.13 21.99 -32.21
C ALA A 558 14.71 21.41 -32.42
N LYS A 559 13.94 21.97 -33.34
CA LYS A 559 12.60 21.48 -33.62
C LYS A 559 12.57 20.02 -34.03
N GLU A 560 13.39 19.64 -35.00
CA GLU A 560 13.46 18.26 -35.46
C GLU A 560 13.79 17.30 -34.27
N ILE A 561 14.78 17.68 -33.45
CA ILE A 561 15.21 16.90 -32.28
C ILE A 561 14.06 16.78 -31.28
N ALA A 562 13.36 17.89 -31.03
CA ALA A 562 12.17 17.82 -30.18
C ALA A 562 11.11 16.85 -30.74
N GLN A 563 10.86 16.85 -32.06
CA GLN A 563 9.84 15.97 -32.65
C GLN A 563 10.28 14.53 -32.60
N ASN A 564 11.58 14.31 -32.80
CA ASN A 564 12.18 12.98 -32.76
C ASN A 564 11.96 12.35 -31.38
N LYS A 565 12.19 13.12 -30.32
CA LYS A 565 12.00 12.65 -28.94
C LYS A 565 10.54 12.36 -28.67
N LEU A 566 9.66 13.25 -29.09
CA LEU A 566 8.24 13.01 -28.89
C LEU A 566 7.74 11.79 -29.67
N ASN A 567 8.17 11.63 -30.91
CA ASN A 567 7.79 10.47 -31.70
C ASN A 567 8.19 9.13 -31.04
N THR A 568 9.39 9.11 -30.45
CA THR A 568 9.84 7.95 -29.70
C THR A 568 8.91 7.68 -28.52
N ALA A 569 8.46 8.72 -27.84
CA ALA A 569 7.67 8.51 -26.62
C ALA A 569 6.24 8.10 -26.93
N LEU A 570 5.69 8.72 -27.98
CA LEU A 570 4.35 8.43 -28.47
C LEU A 570 4.17 6.97 -28.92
N SER A 571 5.22 6.37 -29.44
CA SER A 571 5.09 5.02 -29.98
C SER A 571 5.70 3.92 -29.08
N SER A 572 6.39 4.30 -28.01
CA SER A 572 6.92 3.38 -26.98
C SER A 572 5.76 2.91 -26.10
N PHE A 573 5.83 1.66 -25.66
CA PHE A 573 4.92 1.12 -24.64
C PHE A 573 4.95 1.89 -23.29
N ALA A 574 6.14 2.15 -22.78
CA ALA A 574 6.30 2.98 -21.57
C ALA A 574 5.55 4.30 -21.70
N VAL A 575 4.89 4.68 -20.61
CA VAL A 575 4.14 5.92 -20.53
C VAL A 575 4.53 6.56 -19.22
N ILE A 576 4.82 7.86 -19.24
CA ILE A 576 5.25 8.61 -18.06
C ILE A 576 5.11 10.08 -18.34
N SER A 577 4.91 10.85 -17.26
CA SER A 577 4.78 12.31 -17.28
C SER A 577 3.95 12.89 -18.43
N GLU A 578 2.88 12.19 -18.84
CA GLU A 578 2.01 12.63 -19.95
C GLU A 578 1.69 14.14 -20.00
N LYS A 579 1.27 14.68 -18.85
CA LYS A 579 0.75 16.05 -18.78
C LYS A 579 1.82 17.08 -18.44
N VAL A 580 3.07 16.63 -18.22
CA VAL A 580 4.17 17.52 -17.82
C VAL A 580 5.35 17.41 -18.81
N ALA A 581 6.26 16.43 -18.63
CA ALA A 581 7.43 16.34 -19.51
C ALA A 581 7.02 16.11 -20.97
N GLN A 582 6.04 15.25 -21.19
CA GLN A 582 5.50 14.95 -22.51
C GLN A 582 4.77 16.16 -23.13
N SER A 583 3.80 16.68 -22.41
CA SER A 583 3.01 17.80 -22.89
C SER A 583 3.83 19.05 -23.21
N PHE A 584 4.89 19.30 -22.46
CA PHE A 584 5.74 20.47 -22.71
C PHE A 584 6.28 20.47 -24.12
N ILE A 585 6.74 19.31 -24.60
CA ILE A 585 7.20 19.18 -25.97
C ILE A 585 6.06 19.43 -26.94
N GLN A 586 4.87 18.87 -26.68
CA GLN A 586 3.70 19.10 -27.55
C GLN A 586 3.30 20.57 -27.62
N GLU A 587 3.43 21.25 -26.49
CA GLU A 587 3.11 22.66 -26.35
C GLU A 587 4.05 23.51 -27.17
N ALA A 588 5.34 23.17 -27.14
CA ALA A 588 6.36 23.93 -27.84
C ALA A 588 6.29 23.81 -29.36
N LEU A 589 5.58 22.79 -29.86
CA LEU A 589 5.37 22.59 -31.30
C LEU A 589 4.03 23.20 -31.79
N SER A 590 3.90 24.54 -31.70
CA SER A 590 2.65 25.32 -32.03
C SER A 590 2.88 26.84 -32.35
N VAL B 1 -11.88 -8.91 -18.60
CA VAL B 1 -10.77 -9.83 -19.05
C VAL B 1 -9.37 -9.29 -18.74
N ALA B 2 -9.10 -8.02 -19.10
CA ALA B 2 -7.77 -7.41 -18.90
C ALA B 2 -7.74 -6.36 -17.79
N HIS B 3 -8.93 -5.87 -17.42
CA HIS B 3 -9.14 -4.81 -16.41
C HIS B 3 -10.66 -4.63 -16.14
N SER B 4 -11.01 -3.88 -15.09
CA SER B 4 -12.42 -3.58 -14.79
C SER B 4 -12.98 -2.47 -15.66
N GLY B 5 -14.23 -2.12 -15.42
CA GLY B 5 -14.87 -0.95 -16.01
C GLY B 5 -15.03 -1.09 -17.52
N ALA B 6 -15.19 0.05 -18.19
CA ALA B 6 -15.47 0.09 -19.63
C ALA B 6 -14.24 0.18 -20.59
N LYS B 7 -14.42 0.92 -21.68
#